data_3VKS
#
_entry.id   3VKS
#
_cell.length_a   132.758
_cell.length_b   132.758
_cell.length_c   77.539
_cell.angle_alpha   90.000
_cell.angle_beta   90.000
_cell.angle_gamma   90.000
#
_symmetry.space_group_name_H-M   'P 4 21 2'
#
loop_
_entity.id
_entity.type
_entity.pdbx_description
1 polymer 'Nitrite reductase'
2 non-polymer SIROHEME
3 non-polymer 'IRON/SULFUR CLUSTER'
4 non-polymer 'POTASSIUM ION'
5 non-polymer 'CHLORIDE ION'
6 non-polymer 'NITRIC OXIDE'
7 water water
#
_entity_poly.entity_id   1
_entity_poly.type   'polypeptide(L)'
_entity_poly.pdbx_seq_one_letter_code
;MGHHHHHHHHHHSSGHIEGRHMFSKNAVKLHATPPSVAAPPTGAPEVAAERLEPRVEEKDGYWILKEQFRKGINPQEKVK
IEKEPMKLFMENGIEELAKIPIEEIDQSKLTKDDIDVRLKWLGLFHRRKNQYGRFMMRLKLPNGVTTSAQTRYLASVIRK
YGKEGCADITTRQNWQIRGVVLPDVPEILKGLAEVGLTSLQSGMDNVRNPVGNPLAGIDPEEIVDTRPYTNLLSQFITGN
SRGNPAVSNLPRKWNPCVVGSHDLYEHPHINDLAYMPATKDGRFGFNLLVGGFFSAKRCDEAIPLDAWVPADDVVPVCRA
ILEAFRDLGFRGNRQKCRMMWLIDELGVEGFRAEVEKRMPQQQLERASPEDLVQKQWERRDYLGVHPQKQEGYSFIGLHI
PVGRVQADDMDELARLADEYGSGEIRLTVEQNIIIPNIETSKIEALLKEPVLSTFSPDPPILMKGLVACTGNQFCGQAII
ETKARSLKITEEVQRQVSLTKPVRMHWTGCPNTCAQVQVADIGFMGCLTRDKNGKTVEGADVFLGGRIGSDSHLGEVYKK
AVPCDDLVPLVVDLLVNNFGAVPREREETED
;
_entity_poly.pdbx_strand_id   A
#
# COMPACT_ATOMS: atom_id res chain seq x y z
N VAL A 47 0.08 23.84 24.59
CA VAL A 47 -1.20 23.63 23.82
C VAL A 47 -2.41 23.99 24.67
N ALA A 48 -3.14 25.02 24.23
CA ALA A 48 -4.35 25.47 24.91
C ALA A 48 -5.45 24.41 24.85
N ALA A 49 -6.33 24.43 25.86
CA ALA A 49 -7.44 23.48 25.95
C ALA A 49 -8.40 23.56 24.77
N GLU A 50 -8.56 24.77 24.22
CA GLU A 50 -9.42 24.99 23.05
C GLU A 50 -8.97 24.22 21.82
N ARG A 51 -7.67 23.94 21.74
CA ARG A 51 -7.10 23.16 20.64
C ARG A 51 -7.62 21.72 20.61
N LEU A 52 -8.08 21.24 21.77
CA LEU A 52 -8.53 19.87 21.93
C LEU A 52 -10.03 19.66 21.68
N GLU A 53 -10.73 20.72 21.30
CA GLU A 53 -12.15 20.59 20.96
C GLU A 53 -12.32 19.80 19.65
N PRO A 54 -13.09 18.70 19.68
CA PRO A 54 -13.34 17.97 18.43
C PRO A 54 -13.89 18.87 17.32
N ARG A 55 -13.33 18.74 16.12
CA ARG A 55 -13.64 19.66 15.04
C ARG A 55 -14.72 19.15 14.08
N VAL A 56 -15.03 17.86 14.22
CA VAL A 56 -16.07 17.22 13.42
C VAL A 56 -17.20 16.75 14.31
N GLU A 57 -18.39 16.59 13.73
CA GLU A 57 -19.55 16.08 14.45
C GLU A 57 -20.32 15.11 13.57
N GLU A 58 -21.02 14.18 14.21
CA GLU A 58 -21.89 13.25 13.51
C GLU A 58 -23.21 13.95 13.18
N LYS A 59 -23.59 13.90 11.91
CA LYS A 59 -24.86 14.45 11.43
C LYS A 59 -25.45 13.54 10.37
N ASP A 60 -26.62 12.97 10.68
CA ASP A 60 -27.37 12.08 9.78
C ASP A 60 -26.55 10.89 9.29
N GLY A 61 -25.75 10.31 10.19
CA GLY A 61 -24.98 9.11 9.89
C GLY A 61 -23.58 9.35 9.32
N TYR A 62 -23.25 10.62 9.05
CA TYR A 62 -21.95 10.96 8.51
C TYR A 62 -21.23 11.96 9.42
N TRP A 63 -19.93 12.09 9.24
CA TRP A 63 -19.13 12.98 10.05
C TRP A 63 -18.68 14.19 9.26
N ILE A 64 -19.05 15.37 9.74
CA ILE A 64 -18.82 16.61 9.02
C ILE A 64 -18.08 17.61 9.89
N LEU A 65 -17.26 18.45 9.25
CA LEU A 65 -16.60 19.56 9.93
C LEU A 65 -17.62 20.51 10.52
N LYS A 66 -17.45 20.83 11.80
CA LYS A 66 -18.30 21.81 12.46
C LYS A 66 -18.16 23.16 11.77
N GLU A 67 -19.28 23.88 11.75
CA GLU A 67 -19.38 25.19 11.11
C GLU A 67 -18.27 26.16 11.49
N GLN A 68 -17.88 26.18 12.77
CA GLN A 68 -16.83 27.09 13.24
C GLN A 68 -15.40 26.63 12.89
N PHE A 69 -15.27 25.41 12.37
CA PHE A 69 -13.96 24.88 11.98
C PHE A 69 -13.85 24.67 10.48
N ARG A 70 -14.38 25.62 9.70
CA ARG A 70 -14.33 25.52 8.24
C ARG A 70 -13.48 26.60 7.58
N LYS A 71 -12.99 27.55 8.38
CA LYS A 71 -12.14 28.62 7.85
C LYS A 71 -10.77 28.08 7.45
N GLY A 72 -10.31 28.47 6.26
CA GLY A 72 -8.93 28.19 5.84
C GLY A 72 -8.66 26.76 5.39
N ILE A 73 -9.72 25.97 5.26
CA ILE A 73 -9.58 24.56 4.84
C ILE A 73 -9.17 24.44 3.38
N ASN A 74 -8.50 23.34 3.05
CA ASN A 74 -8.04 23.08 1.69
C ASN A 74 -9.21 22.72 0.74
N PRO A 75 -8.97 22.73 -0.59
CA PRO A 75 -10.06 22.44 -1.53
C PRO A 75 -10.69 21.05 -1.39
N GLN A 76 -9.91 20.06 -0.98
CA GLN A 76 -10.42 18.70 -0.79
C GLN A 76 -11.44 18.66 0.34
N GLU A 77 -11.17 19.41 1.42
CA GLU A 77 -12.11 19.53 2.52
C GLU A 77 -13.43 20.16 2.05
N LYS A 78 -13.32 21.10 1.13
CA LYS A 78 -14.51 21.75 0.58
C LYS A 78 -15.35 20.76 -0.22
N VAL A 79 -14.69 19.88 -0.98
CA VAL A 79 -15.39 18.84 -1.73
C VAL A 79 -16.18 17.94 -0.78
N LYS A 80 -15.56 17.56 0.33
CA LYS A 80 -16.20 16.67 1.31
C LYS A 80 -17.41 17.32 1.97
N ILE A 81 -17.34 18.63 2.21
CA ILE A 81 -18.46 19.38 2.79
C ILE A 81 -19.61 19.53 1.78
N GLU A 82 -19.25 19.82 0.53
CA GLU A 82 -20.24 20.04 -0.53
C GLU A 82 -21.16 18.84 -0.76
N LYS A 83 -20.58 17.65 -0.71
CA LYS A 83 -21.36 16.41 -0.71
C LYS A 83 -20.54 15.27 -0.13
N GLU A 84 -21.17 14.55 0.80
CA GLU A 84 -20.56 13.43 1.49
C GLU A 84 -20.20 12.32 0.50
N PRO A 85 -18.89 12.02 0.32
CA PRO A 85 -18.51 10.98 -0.63
C PRO A 85 -19.13 9.61 -0.38
N MET A 86 -19.30 9.23 0.89
CA MET A 86 -19.83 7.89 1.21
C MET A 86 -21.25 7.66 0.71
N LYS A 87 -21.99 8.74 0.45
CA LYS A 87 -23.35 8.62 -0.09
C LYS A 87 -23.39 7.92 -1.45
N LEU A 88 -22.32 8.05 -2.22
CA LEU A 88 -22.24 7.36 -3.52
C LEU A 88 -22.39 5.86 -3.38
N PHE A 89 -21.91 5.31 -2.27
CA PHE A 89 -22.05 3.89 -1.98
C PHE A 89 -23.25 3.61 -1.07
N MET A 90 -23.27 4.28 0.08
CA MET A 90 -24.23 3.96 1.13
C MET A 90 -25.67 4.34 0.82
N GLU A 91 -25.85 5.36 -0.03
CA GLU A 91 -27.18 5.76 -0.49
C GLU A 91 -27.34 5.47 -2.00
N ASN A 92 -26.44 4.64 -2.52
CA ASN A 92 -26.45 4.22 -3.92
C ASN A 92 -26.49 5.39 -4.91
N GLY A 93 -25.81 6.50 -4.56
CA GLY A 93 -25.70 7.63 -5.45
C GLY A 93 -25.03 7.27 -6.77
N ILE A 94 -24.19 6.22 -6.74
CA ILE A 94 -23.47 5.78 -7.92
C ILE A 94 -24.38 5.31 -9.06
N GLU A 95 -25.55 4.77 -8.70
CA GLU A 95 -26.47 4.26 -9.73
C GLU A 95 -26.87 5.34 -10.73
N GLU A 96 -27.27 6.50 -10.24
CA GLU A 96 -27.66 7.59 -11.13
C GLU A 96 -26.47 8.31 -11.76
N LEU A 97 -25.40 8.48 -11.00
CA LEU A 97 -24.19 9.12 -11.52
C LEU A 97 -23.65 8.37 -12.74
N ALA A 98 -23.66 7.04 -12.66
CA ALA A 98 -23.07 6.18 -13.70
C ALA A 98 -23.80 6.26 -15.05
N LYS A 99 -25.02 6.78 -15.04
CA LYS A 99 -25.84 6.90 -16.24
C LYS A 99 -25.56 8.21 -17.00
N ILE A 100 -24.97 9.17 -16.32
CA ILE A 100 -24.68 10.47 -16.93
C ILE A 100 -23.43 10.34 -17.81
N PRO A 101 -23.54 10.70 -19.11
CA PRO A 101 -22.37 10.67 -19.98
C PRO A 101 -21.25 11.51 -19.40
N ILE A 102 -20.02 11.02 -19.50
CA ILE A 102 -18.88 11.69 -18.89
C ILE A 102 -18.69 13.15 -19.37
N GLU A 103 -18.97 13.43 -20.64
CA GLU A 103 -18.82 14.79 -21.15
C GLU A 103 -19.78 15.76 -20.44
N GLU A 104 -20.96 15.25 -20.07
CA GLU A 104 -21.93 16.02 -19.28
C GLU A 104 -21.49 16.17 -17.83
N ILE A 105 -20.94 15.09 -17.26
CA ILE A 105 -20.42 15.12 -15.89
C ILE A 105 -19.39 16.24 -15.73
N ASP A 106 -18.53 16.39 -16.73
CA ASP A 106 -17.45 17.37 -16.70
C ASP A 106 -17.92 18.82 -16.75
N GLN A 107 -19.21 19.02 -17.05
CA GLN A 107 -19.76 20.37 -17.22
C GLN A 107 -20.24 21.03 -15.92
N SER A 108 -20.29 20.26 -14.83
CA SER A 108 -20.65 20.83 -13.53
C SER A 108 -19.65 20.41 -12.46
N LYS A 109 -19.28 21.35 -11.60
CA LYS A 109 -18.30 21.10 -10.53
C LYS A 109 -18.70 19.92 -9.64
N LEU A 110 -19.98 19.87 -9.26
CA LEU A 110 -20.45 18.85 -8.33
C LEU A 110 -20.18 17.44 -8.86
N THR A 111 -20.57 17.19 -10.10
CA THR A 111 -20.40 15.86 -10.69
C THR A 111 -18.96 15.57 -11.12
N LYS A 112 -18.25 16.60 -11.57
CA LYS A 112 -16.83 16.45 -11.88
C LYS A 112 -16.04 16.07 -10.63
N ASP A 113 -16.34 16.73 -9.50
CA ASP A 113 -15.76 16.35 -8.21
C ASP A 113 -16.19 14.94 -7.79
N ASP A 114 -17.42 14.55 -8.14
CA ASP A 114 -17.89 13.20 -7.87
C ASP A 114 -16.95 12.17 -8.50
N ILE A 115 -16.65 12.33 -9.78
CA ILE A 115 -15.85 11.31 -10.47
C ILE A 115 -14.35 11.44 -10.23
N ASP A 116 -13.86 12.65 -10.00
CA ASP A 116 -12.42 12.89 -9.82
C ASP A 116 -11.95 12.75 -8.38
N VAL A 117 -12.86 12.91 -7.42
CA VAL A 117 -12.48 12.96 -6.01
C VAL A 117 -13.32 12.01 -5.17
N ARG A 118 -14.64 12.20 -5.17
CA ARG A 118 -15.50 11.43 -4.27
C ARG A 118 -15.49 9.93 -4.57
N LEU A 119 -15.33 9.57 -5.83
CA LEU A 119 -15.31 8.16 -6.20
C LEU A 119 -14.14 7.37 -5.61
N LYS A 120 -13.11 8.07 -5.15
CA LYS A 120 -11.98 7.41 -4.49
C LYS A 120 -12.39 6.76 -3.16
N TRP A 121 -13.50 7.22 -2.59
CA TRP A 121 -14.08 6.56 -1.41
C TRP A 121 -14.69 5.20 -1.77
N LEU A 122 -14.92 4.96 -3.06
CA LEU A 122 -15.39 3.69 -3.57
C LEU A 122 -14.27 2.96 -4.29
N GLY A 123 -13.04 3.46 -4.10
CA GLY A 123 -11.87 2.83 -4.69
C GLY A 123 -11.70 3.05 -6.18
N LEU A 124 -12.35 4.09 -6.71
CA LEU A 124 -12.31 4.39 -8.14
C LEU A 124 -11.57 5.69 -8.43
N PHE A 125 -10.60 5.61 -9.33
CA PHE A 125 -9.62 6.66 -9.54
C PHE A 125 -9.62 7.06 -11.01
N HIS A 126 -10.26 8.17 -11.34
CA HIS A 126 -10.30 8.63 -12.73
C HIS A 126 -8.90 8.97 -13.22
N ARG A 127 -8.47 8.32 -14.30
CA ARG A 127 -7.18 8.63 -14.92
C ARG A 127 -7.38 9.78 -15.92
N ARG A 128 -7.73 10.95 -15.41
CA ARG A 128 -8.16 12.04 -16.29
C ARG A 128 -7.12 12.43 -17.34
N LYS A 129 -5.87 12.60 -16.91
CA LYS A 129 -4.83 13.10 -17.80
C LYS A 129 -4.34 12.02 -18.78
N ASN A 130 -4.08 10.81 -18.26
CA ASN A 130 -3.36 9.81 -19.05
C ASN A 130 -4.20 8.68 -19.61
N GLN A 131 -5.45 8.56 -19.15
CA GLN A 131 -6.37 7.55 -19.70
C GLN A 131 -7.80 8.03 -19.51
N TYR A 132 -8.12 9.15 -20.15
CA TYR A 132 -9.36 9.85 -19.92
C TYR A 132 -10.59 8.95 -20.03
N GLY A 133 -11.48 9.10 -19.06
CA GLY A 133 -12.73 8.35 -19.06
C GLY A 133 -12.61 6.94 -18.51
N ARG A 134 -11.39 6.54 -18.14
CA ARG A 134 -11.17 5.23 -17.53
C ARG A 134 -10.77 5.39 -16.07
N PHE A 135 -11.09 4.36 -15.29
CA PHE A 135 -10.90 4.38 -13.85
C PHE A 135 -10.05 3.20 -13.43
N MET A 136 -9.01 3.49 -12.65
CA MET A 136 -8.33 2.45 -11.91
C MET A 136 -9.20 2.14 -10.70
N MET A 137 -9.24 0.87 -10.31
CA MET A 137 -10.01 0.46 -9.15
C MET A 137 -9.13 -0.28 -8.18
N ARG A 138 -9.20 0.10 -6.90
CA ARG A 138 -8.29 -0.39 -5.88
C ARG A 138 -9.09 -1.04 -4.75
N LEU A 139 -8.66 -2.21 -4.32
CA LEU A 139 -9.39 -2.99 -3.33
C LEU A 139 -9.01 -2.67 -1.89
N LYS A 140 -9.76 -3.29 -0.97
CA LYS A 140 -9.26 -3.64 0.35
C LYS A 140 -8.90 -5.11 0.25
N LEU A 141 -7.69 -5.43 0.68
CA LEU A 141 -7.22 -6.80 0.63
C LEU A 141 -6.31 -7.01 1.84
N PRO A 142 -6.90 -7.10 3.03
CA PRO A 142 -6.07 -7.19 4.24
C PRO A 142 -5.09 -8.35 4.14
N ASN A 143 -3.84 -8.07 4.48
CA ASN A 143 -2.80 -9.09 4.50
C ASN A 143 -2.44 -9.65 3.13
N GLY A 144 -2.95 -9.01 2.07
CA GLY A 144 -2.64 -9.41 0.70
C GLY A 144 -3.25 -10.72 0.24
N VAL A 145 -4.25 -11.22 0.96
CA VAL A 145 -4.79 -12.55 0.66
C VAL A 145 -5.96 -12.49 -0.31
N THR A 146 -5.84 -13.25 -1.40
CA THR A 146 -6.88 -13.38 -2.42
C THR A 146 -7.17 -14.85 -2.68
N THR A 147 -8.29 -15.12 -3.35
CA THR A 147 -8.62 -16.47 -3.79
C THR A 147 -8.55 -16.57 -5.30
N SER A 148 -8.49 -17.80 -5.81
CA SER A 148 -8.54 -18.02 -7.25
C SER A 148 -9.83 -17.52 -7.88
N ALA A 149 -10.95 -17.70 -7.20
CA ALA A 149 -12.24 -17.20 -7.71
C ALA A 149 -12.25 -15.67 -7.81
N GLN A 150 -11.68 -15.02 -6.80
CA GLN A 150 -11.57 -13.55 -6.83
C GLN A 150 -10.65 -13.10 -7.95
N THR A 151 -9.53 -13.81 -8.14
CA THR A 151 -8.56 -13.49 -9.17
C THR A 151 -9.18 -13.63 -10.55
N ARG A 152 -9.95 -14.71 -10.77
CA ARG A 152 -10.64 -14.89 -12.04
C ARG A 152 -11.69 -13.81 -12.27
N TYR A 153 -12.36 -13.39 -11.20
CA TYR A 153 -13.35 -12.32 -11.37
C TYR A 153 -12.66 -11.02 -11.83
N LEU A 154 -11.60 -10.64 -11.14
CA LEU A 154 -10.85 -9.44 -11.51
C LEU A 154 -10.34 -9.52 -12.95
N ALA A 155 -9.84 -10.69 -13.34
CA ALA A 155 -9.38 -10.91 -14.71
C ALA A 155 -10.51 -10.71 -15.71
N SER A 156 -11.71 -11.18 -15.37
CA SER A 156 -12.85 -11.06 -16.28
C SER A 156 -13.24 -9.59 -16.49
N VAL A 157 -13.09 -8.77 -15.44
CA VAL A 157 -13.38 -7.35 -15.56
C VAL A 157 -12.38 -6.67 -16.50
N ILE A 158 -11.09 -6.88 -16.26
CA ILE A 158 -10.09 -6.19 -17.09
C ILE A 158 -10.07 -6.71 -18.52
N ARG A 159 -10.39 -8.00 -18.72
CA ARG A 159 -10.42 -8.59 -20.06
C ARG A 159 -11.38 -7.85 -20.99
N LYS A 160 -12.50 -7.38 -20.44
CA LYS A 160 -13.51 -6.66 -21.21
C LYS A 160 -12.95 -5.41 -21.86
N TYR A 161 -11.93 -4.83 -21.24
CA TYR A 161 -11.43 -3.53 -21.67
C TYR A 161 -10.24 -3.59 -22.61
N GLY A 162 -9.81 -4.81 -22.95
CA GLY A 162 -8.81 -4.99 -24.00
C GLY A 162 -7.53 -4.23 -23.71
N LYS A 163 -7.10 -3.41 -24.66
CA LYS A 163 -5.84 -2.66 -24.50
C LYS A 163 -5.88 -1.64 -23.37
N GLU A 164 -7.08 -1.31 -22.89
CA GLU A 164 -7.23 -0.34 -21.79
C GLU A 164 -7.17 -1.01 -20.43
N GLY A 165 -7.16 -2.35 -20.42
CA GLY A 165 -7.19 -3.12 -19.19
C GLY A 165 -5.88 -3.81 -18.89
N CYS A 166 -5.60 -3.93 -17.60
CA CYS A 166 -4.52 -4.74 -17.02
C CYS A 166 -4.68 -4.62 -15.52
N ALA A 167 -3.82 -5.28 -14.77
CA ALA A 167 -3.86 -5.20 -13.31
C ALA A 167 -2.46 -5.10 -12.74
N ASP A 168 -2.40 -4.65 -11.49
CA ASP A 168 -1.13 -4.42 -10.82
C ASP A 168 -1.20 -4.80 -9.38
N ILE A 169 -0.11 -5.37 -8.88
CA ILE A 169 0.08 -5.58 -7.45
C ILE A 169 0.75 -4.33 -6.91
N THR A 170 0.26 -3.83 -5.78
CA THR A 170 0.75 -2.58 -5.22
C THR A 170 1.73 -2.77 -4.06
N THR A 171 2.36 -1.66 -3.69
CA THR A 171 3.29 -1.65 -2.57
C THR A 171 2.60 -1.75 -1.20
N ARG A 172 1.27 -1.87 -1.19
CA ARG A 172 0.54 -2.30 0.02
C ARG A 172 -0.08 -3.68 -0.17
N GLN A 173 0.59 -4.55 -0.94
CA GLN A 173 0.15 -5.95 -1.19
C GLN A 173 -1.34 -6.04 -1.55
N ASN A 174 -1.71 -5.22 -2.54
CA ASN A 174 -3.11 -5.01 -2.91
C ASN A 174 -3.25 -5.16 -4.42
N TRP A 175 -4.49 -5.36 -4.87
CA TRP A 175 -4.80 -5.35 -6.30
C TRP A 175 -5.33 -4.01 -6.76
N GLN A 176 -4.86 -3.58 -7.93
CA GLN A 176 -5.53 -2.56 -8.72
C GLN A 176 -5.86 -3.13 -10.08
N ILE A 177 -7.04 -2.80 -10.57
CA ILE A 177 -7.45 -3.14 -11.93
C ILE A 177 -7.65 -1.86 -12.72
N ARG A 178 -7.56 -1.97 -14.04
CA ARG A 178 -7.58 -0.80 -14.90
C ARG A 178 -8.52 -0.99 -16.07
N GLY A 179 -9.01 0.14 -16.60
CA GLY A 179 -9.83 0.17 -17.80
C GLY A 179 -11.31 0.41 -17.54
N VAL A 180 -11.70 0.43 -16.27
CA VAL A 180 -13.11 0.53 -15.89
C VAL A 180 -13.75 1.78 -16.48
N VAL A 181 -14.93 1.62 -17.06
CA VAL A 181 -15.73 2.76 -17.51
C VAL A 181 -16.87 2.99 -16.52
N LEU A 182 -17.23 4.26 -16.33
CA LEU A 182 -18.24 4.62 -15.34
C LEU A 182 -19.57 3.83 -15.45
N PRO A 183 -20.13 3.67 -16.67
CA PRO A 183 -21.40 2.92 -16.74
C PRO A 183 -21.33 1.49 -16.19
N ASP A 184 -20.14 0.89 -16.17
CA ASP A 184 -19.97 -0.47 -15.66
C ASP A 184 -19.80 -0.54 -14.15
N VAL A 185 -19.61 0.61 -13.50
CA VAL A 185 -19.30 0.61 -12.07
C VAL A 185 -20.34 -0.10 -11.19
N PRO A 186 -21.65 0.23 -11.34
CA PRO A 186 -22.63 -0.47 -10.52
C PRO A 186 -22.54 -2.00 -10.61
N GLU A 187 -22.39 -2.54 -11.82
CA GLU A 187 -22.26 -3.99 -11.99
C GLU A 187 -20.97 -4.54 -11.37
N ILE A 188 -19.87 -3.79 -11.51
CA ILE A 188 -18.61 -4.23 -10.92
C ILE A 188 -18.68 -4.27 -9.39
N LEU A 189 -19.28 -3.22 -8.79
CA LEU A 189 -19.46 -3.21 -7.34
C LEU A 189 -20.23 -4.46 -6.88
N LYS A 190 -21.29 -4.78 -7.61
CA LYS A 190 -22.08 -5.96 -7.30
C LYS A 190 -21.27 -7.24 -7.44
N GLY A 191 -20.47 -7.34 -8.51
CA GLY A 191 -19.65 -8.52 -8.76
C GLY A 191 -18.55 -8.71 -7.72
N LEU A 192 -17.95 -7.60 -7.28
CA LEU A 192 -16.95 -7.65 -6.23
C LEU A 192 -17.57 -8.21 -4.94
N ALA A 193 -18.73 -7.69 -4.56
CA ALA A 193 -19.41 -8.16 -3.35
C ALA A 193 -19.74 -9.65 -3.45
N GLU A 194 -20.18 -10.07 -4.63
CA GLU A 194 -20.55 -11.47 -4.87
C GLU A 194 -19.39 -12.43 -4.59
N VAL A 195 -18.18 -12.01 -4.93
CA VAL A 195 -16.99 -12.85 -4.71
C VAL A 195 -16.25 -12.55 -3.39
N GLY A 196 -16.85 -11.71 -2.55
CA GLY A 196 -16.30 -11.44 -1.22
C GLY A 196 -15.22 -10.37 -1.17
N LEU A 197 -15.24 -9.46 -2.15
CA LEU A 197 -14.29 -8.36 -2.20
C LEU A 197 -14.99 -7.03 -1.96
N THR A 198 -14.22 -6.06 -1.50
CA THR A 198 -14.66 -4.68 -1.41
C THR A 198 -13.57 -3.74 -1.92
N SER A 199 -14.01 -2.60 -2.45
CA SER A 199 -13.10 -1.53 -2.90
C SER A 199 -13.27 -0.30 -2.02
N LEU A 200 -13.99 -0.44 -0.92
CA LEU A 200 -14.33 0.73 -0.10
C LEU A 200 -13.13 1.42 0.53
N GLN A 201 -13.18 2.76 0.50
CA GLN A 201 -12.31 3.60 1.32
C GLN A 201 -10.82 3.36 1.08
N SER A 202 -10.47 3.11 -0.18
CA SER A 202 -9.11 2.71 -0.51
C SER A 202 -8.23 3.84 -1.02
N GLY A 203 -8.86 4.99 -1.32
CA GLY A 203 -8.14 6.20 -1.72
C GLY A 203 -8.58 7.40 -0.92
N MET A 204 -7.96 8.54 -1.22
CA MET A 204 -8.24 9.80 -0.52
C MET A 204 -8.14 9.69 1.00
N ASP A 205 -9.04 10.33 1.74
CA ASP A 205 -8.82 10.61 3.17
C ASP A 205 -9.35 9.49 4.04
N ASN A 206 -8.77 8.33 3.81
CA ASN A 206 -9.27 7.07 4.30
C ASN A 206 -8.14 6.20 4.82
N VAL A 207 -8.51 5.19 5.60
CA VAL A 207 -7.59 4.17 6.05
C VAL A 207 -7.28 3.23 4.89
N ARG A 208 -5.99 3.13 4.59
CA ARG A 208 -5.53 2.36 3.43
C ARG A 208 -5.37 0.87 3.76
N ASN A 209 -4.92 0.09 2.78
CA ASN A 209 -4.93 -1.36 2.95
C ASN A 209 -4.13 -1.82 4.18
N PRO A 210 -4.77 -2.58 5.10
CA PRO A 210 -4.02 -3.14 6.23
C PRO A 210 -3.01 -4.21 5.80
N VAL A 211 -1.74 -3.89 5.98
CA VAL A 211 -0.63 -4.74 5.58
C VAL A 211 -0.25 -5.69 6.72
N GLY A 212 0.04 -6.94 6.36
CA GLY A 212 0.50 -7.92 7.35
C GLY A 212 1.65 -8.75 6.83
N ASN A 213 1.92 -9.85 7.53
CA ASN A 213 2.99 -10.74 7.17
C ASN A 213 2.56 -11.62 6.01
N PRO A 214 3.29 -11.56 4.87
CA PRO A 214 2.89 -12.40 3.73
C PRO A 214 3.04 -13.89 4.05
N LEU A 215 3.79 -14.23 5.09
CA LEU A 215 3.98 -15.61 5.50
C LEU A 215 3.07 -16.00 6.67
N ALA A 216 2.04 -15.20 6.94
CA ALA A 216 1.15 -15.44 8.07
C ALA A 216 0.55 -16.84 8.01
N GLY A 217 0.63 -17.54 9.13
CA GLY A 217 0.03 -18.87 9.26
C GLY A 217 0.84 -20.01 8.68
N ILE A 218 1.86 -19.71 7.88
CA ILE A 218 2.59 -20.76 7.16
C ILE A 218 4.09 -20.83 7.47
N ASP A 219 4.67 -19.74 7.96
CA ASP A 219 6.10 -19.68 8.24
C ASP A 219 6.41 -20.34 9.59
N PRO A 220 7.32 -21.34 9.59
CA PRO A 220 7.75 -21.91 10.87
C PRO A 220 8.31 -20.87 11.85
N GLU A 221 8.80 -19.74 11.33
CA GLU A 221 9.44 -18.73 12.16
C GLU A 221 8.58 -17.51 12.48
N GLU A 222 7.28 -17.57 12.21
CA GLU A 222 6.44 -16.39 12.45
C GLU A 222 6.29 -16.13 13.95
N ILE A 223 6.07 -14.86 14.29
CA ILE A 223 5.80 -14.48 15.67
C ILE A 223 4.33 -14.71 16.01
N VAL A 224 3.45 -14.20 15.16
CA VAL A 224 2.01 -14.30 15.36
C VAL A 224 1.34 -14.14 14.00
N ASP A 225 0.34 -14.98 13.73
CA ASP A 225 -0.44 -14.90 12.50
C ASP A 225 -1.15 -13.55 12.45
N THR A 226 -0.85 -12.76 11.43
CA THR A 226 -1.41 -11.41 11.32
C THR A 226 -2.79 -11.34 10.67
N ARG A 227 -3.22 -12.43 10.03
CA ARG A 227 -4.48 -12.41 9.28
C ARG A 227 -5.72 -12.07 10.14
N PRO A 228 -5.86 -12.70 11.32
CA PRO A 228 -7.05 -12.32 12.11
C PRO A 228 -7.10 -10.82 12.41
N TYR A 229 -5.95 -10.21 12.64
CA TYR A 229 -5.88 -8.80 13.01
C TYR A 229 -6.10 -7.87 11.82
N THR A 230 -5.46 -8.16 10.69
CA THR A 230 -5.68 -7.34 9.50
C THR A 230 -7.11 -7.50 9.00
N ASN A 231 -7.67 -8.72 9.09
CA ASN A 231 -9.09 -8.96 8.77
C ASN A 231 -9.99 -8.10 9.64
N LEU A 232 -9.75 -8.12 10.96
CA LEU A 232 -10.55 -7.31 11.88
C LEU A 232 -10.44 -5.83 11.57
N LEU A 233 -9.23 -5.36 11.30
CA LEU A 233 -9.05 -3.96 10.94
C LEU A 233 -9.84 -3.60 9.69
N SER A 234 -9.75 -4.43 8.65
CA SER A 234 -10.46 -4.14 7.40
C SER A 234 -11.98 -4.14 7.61
N GLN A 235 -12.48 -5.10 8.39
CA GLN A 235 -13.90 -5.17 8.74
C GLN A 235 -14.34 -3.91 9.48
N PHE A 236 -13.52 -3.48 10.44
CA PHE A 236 -13.79 -2.24 11.17
C PHE A 236 -13.81 -1.03 10.23
N ILE A 237 -12.74 -0.88 9.45
CA ILE A 237 -12.59 0.27 8.56
C ILE A 237 -13.77 0.41 7.60
N THR A 238 -14.20 -0.70 7.02
CA THR A 238 -15.21 -0.69 5.97
C THR A 238 -16.62 -0.95 6.48
N GLY A 239 -16.79 -1.07 7.80
CA GLY A 239 -18.09 -1.40 8.36
C GLY A 239 -18.64 -2.70 7.79
N ASN A 240 -17.80 -3.74 7.79
CA ASN A 240 -18.17 -5.05 7.23
C ASN A 240 -18.62 -4.90 5.77
N SER A 241 -17.87 -4.10 5.02
CA SER A 241 -18.10 -3.84 3.59
C SER A 241 -19.39 -3.07 3.27
N ARG A 242 -19.97 -2.42 4.29
CA ARG A 242 -21.13 -1.54 4.07
C ARG A 242 -20.74 -0.07 4.04
N GLY A 243 -19.53 0.23 4.52
CA GLY A 243 -19.05 1.61 4.66
C GLY A 243 -19.03 2.01 6.13
N ASN A 244 -17.97 2.69 6.55
CA ASN A 244 -17.91 3.21 7.92
C ASN A 244 -17.60 4.71 7.93
N PRO A 245 -18.66 5.54 7.89
CA PRO A 245 -18.48 7.00 7.89
C PRO A 245 -17.71 7.56 9.08
N ALA A 246 -17.62 6.83 10.19
CA ALA A 246 -16.88 7.31 11.35
C ALA A 246 -15.38 7.50 11.09
N VAL A 247 -14.85 6.79 10.08
CA VAL A 247 -13.42 6.85 9.79
C VAL A 247 -13.12 7.24 8.34
N SER A 248 -14.14 7.76 7.64
CA SER A 248 -13.99 8.13 6.23
C SER A 248 -13.82 9.62 6.00
N ASN A 249 -13.88 10.42 7.06
CA ASN A 249 -13.58 11.84 6.92
C ASN A 249 -12.36 12.20 7.75
N LEU A 250 -11.22 11.61 7.40
CA LEU A 250 -9.96 11.97 8.03
C LEU A 250 -9.39 13.21 7.36
N PRO A 251 -8.44 13.90 8.03
CA PRO A 251 -7.74 14.99 7.34
C PRO A 251 -6.88 14.54 6.17
N ARG A 252 -6.56 13.25 6.12
CA ARG A 252 -5.60 12.74 5.15
C ARG A 252 -5.57 11.22 5.21
N LYS A 253 -4.97 10.62 4.19
CA LYS A 253 -4.73 9.18 4.17
C LYS A 253 -4.03 8.70 5.44
N TRP A 254 -4.15 7.41 5.71
CA TRP A 254 -3.61 6.85 6.95
C TRP A 254 -3.37 5.36 6.73
N ASN A 255 -2.12 4.95 6.95
CA ASN A 255 -1.64 3.60 6.63
C ASN A 255 -1.44 2.74 7.87
N PRO A 256 -2.13 1.60 7.99
CA PRO A 256 -1.90 0.67 9.09
C PRO A 256 -1.22 -0.64 8.71
N CYS A 257 -0.43 -1.17 9.62
CA CYS A 257 0.09 -2.53 9.45
C CYS A 257 0.17 -3.28 10.78
N VAL A 258 0.14 -4.61 10.69
CA VAL A 258 0.31 -5.48 11.86
C VAL A 258 1.50 -6.38 11.60
N VAL A 259 2.46 -6.36 12.52
CA VAL A 259 3.70 -7.12 12.38
C VAL A 259 3.55 -8.52 12.95
N GLY A 260 3.99 -9.51 12.17
CA GLY A 260 4.02 -10.89 12.63
C GLY A 260 5.29 -11.64 12.29
N SER A 261 6.26 -10.91 11.73
CA SER A 261 7.51 -11.49 11.24
C SER A 261 8.70 -10.82 11.90
N HIS A 262 9.72 -11.60 12.21
CA HIS A 262 11.00 -11.03 12.63
C HIS A 262 11.63 -10.23 11.50
N ASP A 263 11.31 -10.61 10.26
CA ASP A 263 11.84 -9.95 9.08
C ASP A 263 11.33 -8.51 8.94
N LEU A 264 10.20 -8.22 9.58
CA LEU A 264 9.50 -6.94 9.42
C LEU A 264 9.16 -6.70 7.95
N TYR A 265 8.61 -7.74 7.32
CA TYR A 265 8.07 -7.64 5.97
C TYR A 265 7.00 -6.55 5.84
N GLU A 266 6.45 -6.11 6.96
CA GLU A 266 5.30 -5.21 7.00
C GLU A 266 5.70 -3.74 6.98
N HIS A 267 7.01 -3.48 7.06
CA HIS A 267 7.53 -2.10 7.09
C HIS A 267 6.86 -1.21 8.13
N PRO A 268 6.88 -1.64 9.42
CA PRO A 268 6.18 -0.86 10.46
C PRO A 268 6.73 0.56 10.60
N HIS A 269 8.00 0.77 10.26
CA HIS A 269 8.62 2.08 10.41
C HIS A 269 8.01 3.15 9.50
N ILE A 270 7.29 2.76 8.46
CA ILE A 270 6.71 3.75 7.54
C ILE A 270 5.18 3.75 7.51
N ASN A 271 4.56 3.25 8.58
CA ASN A 271 3.10 3.29 8.72
C ASN A 271 2.63 4.29 9.77
N ASP A 272 1.42 4.80 9.59
CA ASP A 272 0.76 5.70 10.54
C ASP A 272 0.48 4.99 11.84
N LEU A 273 0.13 3.71 11.76
CA LEU A 273 -0.01 2.89 12.96
C LEU A 273 0.57 1.52 12.66
N ALA A 274 1.52 1.09 13.48
CA ALA A 274 2.11 -0.22 13.36
C ALA A 274 1.97 -0.95 14.68
N TYR A 275 1.46 -2.17 14.61
CA TYR A 275 1.31 -3.01 15.79
C TYR A 275 2.51 -3.94 15.89
N MET A 276 3.35 -3.73 16.91
CA MET A 276 4.55 -4.54 17.13
C MET A 276 4.28 -5.59 18.21
N PRO A 277 4.35 -6.88 17.85
CA PRO A 277 3.97 -7.90 18.83
C PRO A 277 4.89 -7.85 20.05
N ALA A 278 4.30 -7.91 21.24
CA ALA A 278 5.05 -7.74 22.48
C ALA A 278 4.27 -8.37 23.62
N THR A 279 4.99 -9.08 24.48
CA THR A 279 4.40 -9.58 25.72
C THR A 279 4.58 -8.51 26.78
N LYS A 280 3.54 -8.26 27.56
CA LYS A 280 3.64 -7.33 28.69
C LYS A 280 3.00 -7.95 29.92
N ASP A 281 3.80 -8.06 30.98
CA ASP A 281 3.33 -8.61 32.26
C ASP A 281 2.61 -9.96 32.05
N GLY A 282 3.22 -10.82 31.24
CA GLY A 282 2.71 -12.16 30.98
C GLY A 282 1.58 -12.29 29.98
N ARG A 283 1.28 -11.21 29.25
CA ARG A 283 0.16 -11.17 28.32
C ARG A 283 0.62 -10.84 26.90
N PHE A 284 -0.02 -11.48 25.92
CA PHE A 284 0.30 -11.17 24.54
C PHE A 284 -0.45 -9.95 24.05
N GLY A 285 0.27 -9.08 23.36
CA GLY A 285 -0.34 -7.90 22.76
C GLY A 285 0.60 -7.20 21.80
N PHE A 286 0.43 -5.89 21.69
CA PHE A 286 1.20 -5.09 20.74
C PHE A 286 1.63 -3.76 21.33
N ASN A 287 2.91 -3.44 21.18
CA ASN A 287 3.38 -2.06 21.33
C ASN A 287 2.99 -1.30 20.08
N LEU A 288 2.72 0.00 20.23
CA LEU A 288 2.21 0.79 19.11
C LEU A 288 3.18 1.85 18.65
N LEU A 289 3.45 1.86 17.34
CA LEU A 289 4.24 2.90 16.70
C LEU A 289 3.30 3.74 15.88
N VAL A 290 3.54 5.06 15.87
CA VAL A 290 2.63 5.99 15.20
C VAL A 290 3.33 7.02 14.32
N GLY A 291 2.65 7.41 13.26
CA GLY A 291 2.99 8.62 12.50
C GLY A 291 3.98 8.48 11.37
N GLY A 292 4.48 7.27 11.11
CA GLY A 292 5.37 7.07 9.96
C GLY A 292 4.66 7.46 8.68
N PHE A 293 5.39 8.13 7.78
CA PHE A 293 4.80 8.53 6.50
C PHE A 293 5.85 9.02 5.53
N PHE A 294 5.55 8.90 4.26
CA PHE A 294 6.32 9.57 3.20
C PHE A 294 5.47 10.60 2.48
N SER A 295 6.13 11.67 2.04
CA SER A 295 5.51 12.68 1.20
C SER A 295 6.60 13.41 0.44
N ALA A 296 6.21 14.27 -0.50
CA ALA A 296 7.19 15.07 -1.25
C ALA A 296 8.03 15.94 -0.32
N LYS A 297 7.36 16.52 0.67
CA LYS A 297 7.94 17.50 1.59
C LYS A 297 8.78 16.87 2.71
N ARG A 298 8.34 15.71 3.19
CA ARG A 298 8.86 15.14 4.43
C ARG A 298 8.63 13.64 4.50
N CYS A 299 9.67 12.91 4.91
CA CYS A 299 9.56 11.50 5.23
C CYS A 299 10.00 11.29 6.67
N ASP A 300 9.20 10.56 7.44
CA ASP A 300 9.45 10.37 8.86
C ASP A 300 9.14 8.93 9.24
N GLU A 301 10.01 8.32 10.05
CA GLU A 301 9.72 7.01 10.61
C GLU A 301 8.74 7.09 11.77
N ALA A 302 7.95 6.03 11.94
CA ALA A 302 7.03 5.95 13.05
C ALA A 302 7.78 6.01 14.38
N ILE A 303 7.14 6.61 15.37
CA ILE A 303 7.71 6.74 16.71
C ILE A 303 6.84 6.00 17.72
N PRO A 304 7.43 5.56 18.84
CA PRO A 304 6.59 4.92 19.86
C PRO A 304 5.53 5.86 20.42
N LEU A 305 4.29 5.37 20.50
CA LEU A 305 3.24 6.07 21.24
C LEU A 305 3.48 5.93 22.76
N ASP A 306 4.39 5.03 23.12
CA ASP A 306 4.53 4.52 24.49
C ASP A 306 3.20 3.92 24.96
N ALA A 307 2.74 2.94 24.20
CA ALA A 307 1.49 2.28 24.48
C ALA A 307 1.57 0.81 24.12
N TRP A 308 0.99 -0.02 24.98
CA TRP A 308 0.80 -1.44 24.71
C TRP A 308 -0.68 -1.75 24.88
N VAL A 309 -1.23 -2.56 23.97
CA VAL A 309 -2.59 -3.04 24.10
C VAL A 309 -2.61 -4.56 24.07
N PRO A 310 -3.53 -5.18 24.84
CA PRO A 310 -3.70 -6.62 24.68
C PRO A 310 -4.19 -6.92 23.27
N ALA A 311 -3.97 -8.15 22.81
CA ALA A 311 -4.33 -8.52 21.44
C ALA A 311 -5.78 -8.19 21.11
N ASP A 312 -6.68 -8.36 22.09
CA ASP A 312 -8.10 -8.08 21.84
C ASP A 312 -8.46 -6.60 21.68
N ASP A 313 -7.50 -5.71 21.97
CA ASP A 313 -7.75 -4.28 21.87
C ASP A 313 -7.23 -3.66 20.57
N VAL A 314 -6.87 -4.49 19.59
CA VAL A 314 -6.39 -4.00 18.31
C VAL A 314 -7.40 -3.05 17.66
N VAL A 315 -8.66 -3.47 17.55
CA VAL A 315 -9.66 -2.61 16.93
C VAL A 315 -10.00 -1.38 17.81
N PRO A 316 -10.29 -1.59 19.12
CA PRO A 316 -10.49 -0.41 19.96
C PRO A 316 -9.41 0.69 19.86
N VAL A 317 -8.14 0.32 19.84
CA VAL A 317 -7.09 1.35 19.76
C VAL A 317 -6.97 1.95 18.36
N CYS A 318 -7.23 1.16 17.32
CA CYS A 318 -7.27 1.73 15.98
C CYS A 318 -8.35 2.79 15.92
N ARG A 319 -9.52 2.48 16.47
CA ARG A 319 -10.64 3.41 16.52
C ARG A 319 -10.26 4.68 17.30
N ALA A 320 -9.63 4.51 18.46
CA ALA A 320 -9.29 5.66 19.31
C ALA A 320 -8.30 6.58 18.61
N ILE A 321 -7.28 6.01 17.97
CA ILE A 321 -6.30 6.82 17.23
C ILE A 321 -6.94 7.55 16.06
N LEU A 322 -7.78 6.85 15.30
CA LEU A 322 -8.46 7.46 14.16
C LEU A 322 -9.41 8.56 14.60
N GLU A 323 -10.13 8.33 15.70
CA GLU A 323 -11.02 9.38 16.22
C GLU A 323 -10.24 10.61 16.63
N ALA A 324 -9.11 10.43 17.29
CA ALA A 324 -8.27 11.57 17.68
C ALA A 324 -7.77 12.35 16.46
N PHE A 325 -7.33 11.62 15.44
CA PHE A 325 -6.83 12.22 14.19
C PHE A 325 -7.96 12.95 13.46
N ARG A 326 -9.09 12.28 13.30
CA ARG A 326 -10.28 12.85 12.70
C ARG A 326 -10.73 14.12 13.44
N ASP A 327 -10.83 14.01 14.76
CA ASP A 327 -11.34 15.09 15.60
C ASP A 327 -10.42 16.31 15.64
N LEU A 328 -9.11 16.10 15.60
CA LEU A 328 -8.17 17.17 15.96
C LEU A 328 -7.20 17.61 14.88
N GLY A 329 -7.05 16.80 13.85
CA GLY A 329 -6.06 17.08 12.82
C GLY A 329 -6.31 18.38 12.06
N PHE A 330 -5.20 19.05 11.76
CA PHE A 330 -5.09 20.15 10.82
C PHE A 330 -5.75 19.78 9.48
N ARG A 331 -6.46 20.74 8.88
CA ARG A 331 -7.11 20.54 7.58
C ARG A 331 -6.84 21.70 6.63
N GLY A 332 -5.65 22.30 6.77
CA GLY A 332 -5.18 23.32 5.83
C GLY A 332 -4.30 22.72 4.75
N ASN A 333 -3.17 23.36 4.46
CA ASN A 333 -2.18 22.87 3.50
C ASN A 333 -2.12 21.33 3.53
N ARG A 334 -2.45 20.70 2.41
CA ARG A 334 -2.48 19.22 2.33
C ARG A 334 -1.15 18.56 2.67
N GLN A 335 -0.06 19.31 2.51
CA GLN A 335 1.28 18.79 2.83
C GLN A 335 1.56 18.75 4.33
N LYS A 336 0.62 19.27 5.14
CA LYS A 336 0.80 19.29 6.59
C LYS A 336 -0.38 18.64 7.34
N CYS A 337 -1.05 17.70 6.66
CA CYS A 337 -2.24 17.06 7.20
C CYS A 337 -2.07 15.60 7.64
N ARG A 338 -0.95 14.97 7.30
CA ARG A 338 -0.71 13.61 7.78
C ARG A 338 -0.61 13.60 9.29
N MET A 339 -0.94 12.48 9.91
CA MET A 339 -1.06 12.41 11.37
C MET A 339 0.21 12.83 12.12
N MET A 340 1.38 12.56 11.57
CA MET A 340 2.61 12.97 12.27
C MET A 340 2.61 14.47 12.60
N TRP A 341 2.00 15.29 11.75
CA TRP A 341 1.95 16.74 12.00
C TRP A 341 1.12 17.06 13.24
N LEU A 342 0.09 16.26 13.51
CA LEU A 342 -0.71 16.43 14.72
C LEU A 342 0.10 16.01 15.95
N ILE A 343 0.83 14.92 15.81
CA ILE A 343 1.69 14.43 16.88
C ILE A 343 2.75 15.49 17.21
N ASP A 344 3.33 16.11 16.19
CA ASP A 344 4.31 17.17 16.45
C ASP A 344 3.69 18.40 17.11
N GLU A 345 2.45 18.71 16.74
CA GLU A 345 1.78 19.88 17.30
C GLU A 345 1.42 19.69 18.77
N LEU A 346 0.86 18.53 19.10
CA LEU A 346 0.46 18.22 20.48
C LEU A 346 1.62 17.69 21.32
N GLY A 347 2.65 17.19 20.67
CA GLY A 347 3.67 16.38 21.34
C GLY A 347 3.13 14.97 21.45
N VAL A 348 4.02 13.99 21.44
CA VAL A 348 3.57 12.60 21.48
C VAL A 348 2.75 12.29 22.74
N GLU A 349 3.13 12.87 23.88
CA GLU A 349 2.36 12.69 25.12
C GLU A 349 0.98 13.32 25.07
N GLY A 350 0.89 14.51 24.48
CA GLY A 350 -0.38 15.18 24.27
C GLY A 350 -1.30 14.37 23.37
N PHE A 351 -0.73 13.81 22.31
CA PHE A 351 -1.49 12.95 21.42
C PHE A 351 -1.92 11.67 22.11
N ARG A 352 -0.99 11.06 22.85
CA ARG A 352 -1.29 9.87 23.63
C ARG A 352 -2.50 10.06 24.55
N ALA A 353 -2.55 11.22 25.21
CA ALA A 353 -3.67 11.53 26.11
C ALA A 353 -5.00 11.54 25.36
N GLU A 354 -4.98 12.03 24.12
CA GLU A 354 -6.18 12.05 23.28
C GLU A 354 -6.64 10.66 22.86
N VAL A 355 -5.68 9.77 22.63
CA VAL A 355 -5.98 8.37 22.33
C VAL A 355 -6.57 7.70 23.57
N GLU A 356 -5.91 7.91 24.71
CA GLU A 356 -6.33 7.34 25.99
C GLU A 356 -7.78 7.69 26.36
N LYS A 357 -8.16 8.96 26.18
CA LYS A 357 -9.53 9.36 26.55
C LYS A 357 -10.60 8.73 25.67
N ARG A 358 -10.19 8.23 24.50
CA ARG A 358 -11.11 7.61 23.55
C ARG A 358 -11.08 6.08 23.61
N MET A 359 -10.29 5.52 24.52
CA MET A 359 -10.28 4.08 24.76
C MET A 359 -11.43 3.67 25.67
N PRO A 360 -11.98 2.45 25.50
CA PRO A 360 -12.94 1.91 26.48
C PRO A 360 -12.37 1.96 27.91
N GLN A 361 -13.19 2.46 28.83
CA GLN A 361 -12.78 2.68 30.24
C GLN A 361 -11.56 3.61 30.36
N GLN A 362 -11.25 4.29 29.26
CA GLN A 362 -10.17 5.28 29.17
C GLN A 362 -8.83 4.73 29.68
N GLN A 363 -8.56 3.48 29.35
CA GLN A 363 -7.32 2.83 29.77
C GLN A 363 -6.40 2.56 28.57
N LEU A 364 -5.14 2.94 28.74
CA LEU A 364 -4.11 2.72 27.74
C LEU A 364 -2.79 2.49 28.46
N GLU A 365 -2.35 1.23 28.51
CA GLU A 365 -1.11 0.89 29.20
C GLU A 365 0.11 1.43 28.48
N ARG A 366 1.19 1.63 29.23
CA ARG A 366 2.47 2.05 28.65
C ARG A 366 3.11 0.89 27.88
N ALA A 367 4.01 1.22 26.96
CA ALA A 367 4.67 0.20 26.16
C ALA A 367 5.42 -0.81 27.02
N SER A 368 5.46 -2.06 26.56
CA SER A 368 6.32 -3.05 27.17
C SER A 368 7.76 -2.72 26.83
N PRO A 369 8.69 -2.88 27.82
CA PRO A 369 10.09 -2.54 27.61
C PRO A 369 10.72 -3.23 26.40
N GLU A 370 10.30 -4.47 26.15
CA GLU A 370 10.78 -5.20 24.99
C GLU A 370 9.63 -5.77 24.19
N ASP A 371 9.85 -5.92 22.89
CA ASP A 371 8.88 -6.60 22.04
C ASP A 371 9.42 -7.96 21.59
N LEU A 372 8.62 -8.69 20.82
CA LEU A 372 8.95 -10.06 20.46
C LEU A 372 9.79 -10.18 19.20
N VAL A 373 10.01 -9.05 18.53
CA VAL A 373 10.78 -9.04 17.29
C VAL A 373 12.27 -9.14 17.63
N GLN A 374 12.91 -10.18 17.10
CA GLN A 374 14.31 -10.43 17.35
C GLN A 374 15.17 -9.50 16.51
N LYS A 375 16.01 -8.71 17.15
CA LYS A 375 16.93 -7.84 16.41
C LYS A 375 17.99 -8.64 15.66
N GLN A 376 18.37 -9.80 16.19
CA GLN A 376 19.26 -10.72 15.48
C GLN A 376 18.45 -11.44 14.42
N TRP A 377 18.45 -10.88 13.22
CA TRP A 377 17.68 -11.43 12.11
C TRP A 377 18.20 -10.92 10.79
N GLU A 378 18.13 -11.79 9.78
CA GLU A 378 18.43 -11.46 8.40
C GLU A 378 17.15 -11.67 7.59
N ARG A 379 16.67 -10.60 6.95
CA ARG A 379 15.48 -10.69 6.10
C ARG A 379 15.61 -11.87 5.14
N ARG A 380 14.60 -12.72 5.12
CA ARG A 380 14.63 -13.92 4.30
C ARG A 380 13.96 -13.73 2.95
N ASP A 381 14.61 -14.28 1.93
CA ASP A 381 14.02 -14.38 0.60
C ASP A 381 12.78 -15.28 0.72
N TYR A 382 11.64 -14.84 0.19
CA TYR A 382 10.43 -15.67 0.16
C TYR A 382 10.16 -16.20 -1.25
N LEU A 383 10.94 -15.75 -2.23
CA LEU A 383 10.80 -16.32 -3.56
C LEU A 383 11.37 -17.73 -3.57
N GLY A 384 10.81 -18.57 -4.42
CA GLY A 384 11.21 -19.98 -4.47
C GLY A 384 10.36 -20.85 -3.57
N VAL A 385 10.76 -22.10 -3.43
CA VAL A 385 10.01 -23.10 -2.69
C VAL A 385 10.50 -23.17 -1.24
N HIS A 386 9.56 -23.08 -0.30
CA HIS A 386 9.89 -23.09 1.12
C HIS A 386 8.92 -23.99 1.88
N PRO A 387 9.45 -24.77 2.84
CA PRO A 387 8.55 -25.61 3.64
C PRO A 387 7.66 -24.78 4.58
N GLN A 388 6.41 -25.20 4.74
CA GLN A 388 5.51 -24.59 5.71
C GLN A 388 5.64 -25.25 7.06
N LYS A 389 5.06 -24.62 8.09
CA LYS A 389 5.02 -25.23 9.41
C LYS A 389 4.15 -26.49 9.42
N GLN A 390 3.21 -26.58 8.48
CA GLN A 390 2.40 -27.78 8.32
C GLN A 390 3.21 -28.81 7.54
N GLU A 391 3.58 -29.90 8.22
CA GLU A 391 4.42 -30.93 7.63
C GLU A 391 3.83 -31.47 6.34
N GLY A 392 4.67 -31.59 5.32
CA GLY A 392 4.26 -32.11 4.01
C GLY A 392 3.79 -31.04 3.03
N TYR A 393 3.85 -29.77 3.45
CA TYR A 393 3.39 -28.65 2.63
C TYR A 393 4.47 -27.62 2.45
N SER A 394 4.42 -26.97 1.28
CA SER A 394 5.35 -25.90 0.93
C SER A 394 4.58 -24.72 0.38
N PHE A 395 5.21 -23.55 0.43
CA PHE A 395 4.74 -22.41 -0.35
C PHE A 395 5.74 -22.09 -1.43
N ILE A 396 5.28 -21.40 -2.47
CA ILE A 396 6.18 -20.94 -3.52
C ILE A 396 5.99 -19.45 -3.75
N GLY A 397 7.09 -18.71 -3.70
CA GLY A 397 7.07 -17.30 -4.05
C GLY A 397 7.45 -17.14 -5.51
N LEU A 398 6.62 -16.41 -6.25
CA LEU A 398 6.82 -16.20 -7.68
C LEU A 398 7.04 -14.72 -7.96
N HIS A 399 8.05 -14.44 -8.77
CA HIS A 399 8.37 -13.07 -9.17
C HIS A 399 7.38 -12.59 -10.23
N ILE A 400 6.73 -11.46 -9.96
CA ILE A 400 5.87 -10.82 -10.94
C ILE A 400 6.60 -9.58 -11.43
N PRO A 401 7.15 -9.60 -12.66
CA PRO A 401 7.94 -8.45 -13.09
C PRO A 401 7.18 -7.12 -12.95
N VAL A 402 7.75 -6.24 -12.16
CA VAL A 402 7.17 -4.92 -11.82
C VAL A 402 5.67 -4.95 -11.45
N GLY A 403 5.19 -6.09 -10.97
CA GLY A 403 3.84 -6.21 -10.44
C GLY A 403 2.72 -6.20 -11.48
N ARG A 404 3.08 -6.24 -12.75
CA ARG A 404 2.13 -6.03 -13.84
C ARG A 404 1.62 -7.36 -14.41
N VAL A 405 0.30 -7.53 -14.47
CA VAL A 405 -0.28 -8.71 -15.07
C VAL A 405 -1.41 -8.35 -16.04
N GLN A 406 -1.63 -9.25 -17.00
CA GLN A 406 -2.78 -9.17 -17.89
C GLN A 406 -3.81 -10.22 -17.47
N ALA A 407 -5.02 -10.13 -18.03
CA ALA A 407 -6.09 -11.07 -17.66
C ALA A 407 -5.67 -12.53 -17.83
N ASP A 408 -4.99 -12.85 -18.93
CA ASP A 408 -4.58 -14.23 -19.17
C ASP A 408 -3.60 -14.72 -18.09
N ASP A 409 -2.73 -13.80 -17.62
CA ASP A 409 -1.77 -14.15 -16.58
C ASP A 409 -2.49 -14.43 -15.27
N MET A 410 -3.48 -13.59 -14.95
CA MET A 410 -4.27 -13.78 -13.73
C MET A 410 -4.99 -15.12 -13.72
N ASP A 411 -5.60 -15.48 -14.85
CA ASP A 411 -6.25 -16.79 -14.95
C ASP A 411 -5.27 -17.93 -14.75
N GLU A 412 -4.08 -17.81 -15.33
CA GLU A 412 -3.08 -18.86 -15.18
C GLU A 412 -2.60 -18.99 -13.73
N LEU A 413 -2.39 -17.86 -13.06
CA LEU A 413 -2.00 -17.90 -11.65
C LEU A 413 -3.10 -18.51 -10.78
N ALA A 414 -4.36 -18.16 -11.08
CA ALA A 414 -5.50 -18.74 -10.39
C ALA A 414 -5.59 -20.25 -10.64
N ARG A 415 -5.29 -20.68 -11.86
CA ARG A 415 -5.28 -22.10 -12.18
C ARG A 415 -4.20 -22.83 -11.38
N LEU A 416 -3.01 -22.25 -11.29
CA LEU A 416 -1.94 -22.85 -10.49
C LEU A 416 -2.32 -22.97 -9.02
N ALA A 417 -2.94 -21.93 -8.48
CA ALA A 417 -3.34 -21.96 -7.08
C ALA A 417 -4.35 -23.07 -6.81
N ASP A 418 -5.25 -23.32 -7.76
CA ASP A 418 -6.23 -24.40 -7.63
C ASP A 418 -5.63 -25.79 -7.81
N GLU A 419 -4.77 -25.95 -8.82
CA GLU A 419 -4.19 -27.25 -9.12
C GLU A 419 -3.15 -27.67 -8.09
N TYR A 420 -2.36 -26.71 -7.61
CA TYR A 420 -1.24 -27.02 -6.74
C TYR A 420 -1.45 -26.64 -5.29
N GLY A 421 -2.19 -25.56 -5.04
CA GLY A 421 -2.38 -25.06 -3.69
C GLY A 421 -3.79 -25.28 -3.21
N SER A 422 -4.32 -24.31 -2.47
CA SER A 422 -5.66 -24.39 -1.91
C SER A 422 -6.58 -23.33 -2.51
N GLY A 423 -6.22 -22.82 -3.69
CA GLY A 423 -6.97 -21.75 -4.31
C GLY A 423 -6.68 -20.38 -3.70
N GLU A 424 -5.55 -20.25 -3.02
CA GLU A 424 -5.16 -18.99 -2.39
C GLU A 424 -3.95 -18.41 -3.09
N ILE A 425 -3.99 -17.10 -3.34
CA ILE A 425 -2.86 -16.35 -3.88
C ILE A 425 -2.62 -15.19 -2.92
N ARG A 426 -1.37 -15.05 -2.49
CA ARG A 426 -1.00 -13.95 -1.59
C ARG A 426 -0.14 -12.94 -2.34
N LEU A 427 -0.41 -11.67 -2.10
CA LEU A 427 0.37 -10.58 -2.69
C LEU A 427 1.38 -10.08 -1.70
N THR A 428 2.49 -9.57 -2.22
CA THR A 428 3.53 -9.00 -1.34
C THR A 428 3.78 -7.54 -1.67
N VAL A 429 4.38 -6.82 -0.72
CA VAL A 429 4.65 -5.40 -0.93
C VAL A 429 5.79 -5.12 -1.92
N GLU A 430 6.52 -6.17 -2.31
CA GLU A 430 7.46 -6.05 -3.44
C GLU A 430 6.76 -6.39 -4.75
N GLN A 431 5.43 -6.48 -4.71
CA GLN A 431 4.62 -6.64 -5.93
C GLN A 431 4.89 -8.01 -6.56
N ASN A 432 5.06 -9.01 -5.69
CA ASN A 432 5.18 -10.42 -6.08
C ASN A 432 4.03 -11.22 -5.51
N ILE A 433 4.04 -12.52 -5.76
CA ILE A 433 3.00 -13.41 -5.24
C ILE A 433 3.60 -14.60 -4.49
N ILE A 434 2.81 -15.13 -3.55
CA ILE A 434 3.08 -16.43 -2.94
C ILE A 434 1.85 -17.31 -3.12
N ILE A 435 2.07 -18.55 -3.57
CA ILE A 435 1.01 -19.55 -3.58
C ILE A 435 1.31 -20.52 -2.44
N PRO A 436 0.51 -20.47 -1.37
CA PRO A 436 0.72 -21.34 -0.21
C PRO A 436 0.01 -22.68 -0.33
N ASN A 437 0.32 -23.57 0.62
CA ASN A 437 -0.46 -24.80 0.85
C ASN A 437 -0.34 -25.80 -0.30
N ILE A 438 0.87 -25.97 -0.79
CA ILE A 438 1.16 -26.91 -1.86
C ILE A 438 1.75 -28.18 -1.26
N GLU A 439 1.11 -29.32 -1.50
CA GLU A 439 1.69 -30.61 -1.11
C GLU A 439 3.08 -30.69 -1.72
N THR A 440 4.08 -30.92 -0.88
CA THR A 440 5.47 -30.87 -1.32
C THR A 440 5.78 -31.84 -2.46
N SER A 441 5.07 -32.97 -2.49
CA SER A 441 5.25 -33.95 -3.58
C SER A 441 4.88 -33.40 -4.96
N LYS A 442 4.11 -32.31 -5.00
CA LYS A 442 3.69 -31.70 -6.26
C LYS A 442 4.69 -30.68 -6.81
N ILE A 443 5.69 -30.33 -6.01
CA ILE A 443 6.63 -29.25 -6.38
C ILE A 443 7.40 -29.55 -7.67
N GLU A 444 7.85 -30.81 -7.83
CA GLU A 444 8.59 -31.19 -9.03
C GLU A 444 7.80 -30.87 -10.31
N ALA A 445 6.51 -31.23 -10.32
CA ALA A 445 5.63 -30.94 -11.44
C ALA A 445 5.40 -29.44 -11.60
N LEU A 446 5.17 -28.74 -10.49
CA LEU A 446 4.94 -27.30 -10.53
C LEU A 446 6.09 -26.55 -11.20
N LEU A 447 7.32 -26.92 -10.86
CA LEU A 447 8.50 -26.23 -11.38
C LEU A 447 8.65 -26.35 -12.90
N LYS A 448 7.95 -27.31 -13.49
CA LYS A 448 7.93 -27.53 -14.94
C LYS A 448 6.81 -26.77 -15.66
N GLU A 449 5.96 -26.08 -14.92
CA GLU A 449 4.85 -25.35 -15.53
C GLU A 449 5.39 -24.20 -16.40
N PRO A 450 4.96 -24.13 -17.68
CA PRO A 450 5.47 -23.09 -18.57
C PRO A 450 5.36 -21.67 -18.04
N VAL A 451 4.31 -21.35 -17.30
CA VAL A 451 4.14 -19.97 -16.84
C VAL A 451 5.23 -19.54 -15.85
N LEU A 452 5.85 -20.51 -15.19
CA LEU A 452 6.95 -20.21 -14.28
C LEU A 452 8.22 -19.72 -14.97
N SER A 453 8.26 -19.78 -16.30
CA SER A 453 9.35 -19.15 -17.04
C SER A 453 9.18 -17.63 -17.06
N THR A 454 7.94 -17.17 -16.97
CA THR A 454 7.62 -15.74 -16.94
C THR A 454 7.51 -15.21 -15.51
N PHE A 455 6.82 -15.96 -14.66
CA PHE A 455 6.67 -15.62 -13.25
C PHE A 455 7.49 -16.63 -12.46
N SER A 456 8.77 -16.32 -12.29
CA SER A 456 9.76 -17.29 -11.88
C SER A 456 9.92 -17.41 -10.38
N PRO A 457 10.11 -18.65 -9.88
CA PRO A 457 10.47 -18.83 -8.47
C PRO A 457 11.93 -18.46 -8.18
N ASP A 458 12.72 -18.26 -9.22
CA ASP A 458 14.14 -17.95 -9.01
C ASP A 458 14.68 -17.03 -10.09
N PRO A 459 14.17 -15.78 -10.15
CA PRO A 459 14.67 -14.86 -11.14
C PRO A 459 16.04 -14.35 -10.71
N PRO A 460 16.76 -13.65 -11.59
CA PRO A 460 18.01 -13.03 -11.17
C PRO A 460 17.81 -12.14 -9.93
N ILE A 461 18.84 -12.05 -9.11
CA ILE A 461 18.72 -11.44 -7.78
C ILE A 461 18.20 -9.99 -7.80
N LEU A 462 18.62 -9.20 -8.79
CA LEU A 462 18.14 -7.82 -8.84
C LEU A 462 16.66 -7.71 -9.14
N MET A 463 16.13 -8.67 -9.89
CA MET A 463 14.69 -8.70 -10.15
C MET A 463 13.90 -9.04 -8.89
N LYS A 464 14.43 -9.93 -8.05
CA LYS A 464 13.79 -10.31 -6.80
C LYS A 464 13.45 -9.09 -5.94
N GLY A 465 14.32 -8.09 -5.97
CA GLY A 465 14.16 -6.92 -5.12
C GLY A 465 13.60 -5.69 -5.80
N LEU A 466 13.25 -5.79 -7.08
CA LEU A 466 12.82 -4.64 -7.87
C LEU A 466 11.37 -4.27 -7.60
N VAL A 467 11.14 -3.00 -7.27
CA VAL A 467 9.82 -2.45 -7.00
C VAL A 467 9.65 -1.20 -7.84
N ALA A 468 8.49 -1.01 -8.45
CA ALA A 468 8.24 0.16 -9.31
C ALA A 468 6.79 0.58 -9.23
N CYS A 469 6.55 1.88 -9.12
CA CYS A 469 5.19 2.40 -9.09
C CYS A 469 4.56 2.43 -10.49
N THR A 470 3.28 2.74 -10.53
CA THR A 470 2.55 2.89 -11.78
C THR A 470 3.26 3.73 -12.84
N GLY A 471 3.70 4.92 -12.46
CA GLY A 471 4.36 5.83 -13.42
C GLY A 471 3.41 6.36 -14.49
N ASN A 472 3.99 7.01 -15.49
CA ASN A 472 3.18 7.82 -16.38
C ASN A 472 2.38 7.07 -17.43
N GLN A 473 2.48 5.75 -17.46
CA GLN A 473 1.57 5.01 -18.31
C GLN A 473 0.12 5.33 -17.95
N PHE A 474 -0.15 5.48 -16.65
CA PHE A 474 -1.50 5.74 -16.17
C PHE A 474 -1.64 6.89 -15.18
N CYS A 475 -0.59 7.16 -14.43
CA CYS A 475 -0.68 8.11 -13.33
C CYS A 475 -0.41 9.54 -13.82
N GLY A 476 -1.35 10.43 -13.52
CA GLY A 476 -1.24 11.82 -13.98
C GLY A 476 -0.15 12.64 -13.32
N GLN A 477 0.28 12.25 -12.12
CA GLN A 477 1.33 12.99 -11.42
C GLN A 477 2.72 12.56 -11.83
N ALA A 478 2.82 11.40 -12.48
CA ALA A 478 4.11 10.85 -12.85
C ALA A 478 4.89 11.77 -13.77
N ILE A 479 6.17 11.90 -13.48
CA ILE A 479 7.09 12.68 -14.29
C ILE A 479 7.71 11.84 -15.41
N ILE A 480 7.86 10.54 -15.15
CA ILE A 480 8.50 9.61 -16.08
C ILE A 480 7.72 8.30 -16.17
N GLU A 481 8.04 7.51 -17.20
CA GLU A 481 7.62 6.13 -17.27
C GLU A 481 8.52 5.30 -16.35
N THR A 482 7.89 4.44 -15.55
CA THR A 482 8.63 3.69 -14.54
C THR A 482 8.74 2.19 -14.80
N LYS A 483 7.61 1.53 -15.04
CA LYS A 483 7.59 0.06 -15.04
C LYS A 483 8.42 -0.55 -16.17
N ALA A 484 8.17 -0.12 -17.40
CA ALA A 484 8.94 -0.63 -18.54
C ALA A 484 10.41 -0.23 -18.42
N ARG A 485 10.67 1.02 -18.05
CA ARG A 485 12.04 1.52 -17.94
C ARG A 485 12.84 0.77 -16.89
N SER A 486 12.24 0.58 -15.71
CA SER A 486 12.94 -0.08 -14.62
C SER A 486 13.31 -1.53 -14.97
N LEU A 487 12.42 -2.21 -15.68
CA LEU A 487 12.70 -3.58 -16.14
C LEU A 487 13.87 -3.58 -17.10
N LYS A 488 13.85 -2.67 -18.07
CA LYS A 488 14.89 -2.60 -19.10
C LYS A 488 16.27 -2.31 -18.49
N ILE A 489 16.31 -1.31 -17.60
CA ILE A 489 17.56 -0.94 -16.94
C ILE A 489 18.09 -2.06 -16.05
N THR A 490 17.20 -2.67 -15.28
CA THR A 490 17.61 -3.77 -14.39
C THR A 490 18.18 -4.94 -15.20
N GLU A 491 17.52 -5.28 -16.31
CA GLU A 491 18.02 -6.34 -17.21
C GLU A 491 19.41 -6.03 -17.73
N GLU A 492 19.63 -4.78 -18.15
CA GLU A 492 20.93 -4.40 -18.69
C GLU A 492 22.01 -4.42 -17.62
N VAL A 493 21.68 -3.95 -16.43
CA VAL A 493 22.60 -3.97 -15.30
C VAL A 493 23.00 -5.42 -14.96
N GLN A 494 22.01 -6.30 -14.85
CA GLN A 494 22.31 -7.68 -14.45
C GLN A 494 23.08 -8.46 -15.53
N ARG A 495 22.99 -8.03 -16.77
CA ARG A 495 23.79 -8.60 -17.85
C ARG A 495 25.28 -8.28 -17.64
N GLN A 496 25.56 -7.19 -16.93
CA GLN A 496 26.95 -6.72 -16.78
C GLN A 496 27.63 -7.18 -15.49
N VAL A 497 26.85 -7.45 -14.45
CA VAL A 497 27.42 -7.84 -13.15
C VAL A 497 26.65 -8.98 -12.52
N SER A 498 27.39 -9.82 -11.77
CA SER A 498 26.78 -10.81 -10.90
C SER A 498 26.91 -10.31 -9.48
N LEU A 499 26.02 -10.74 -8.59
CA LEU A 499 26.18 -10.43 -7.17
C LEU A 499 25.41 -11.40 -6.31
N THR A 500 25.73 -11.42 -5.03
CA THR A 500 25.08 -12.31 -4.07
C THR A 500 24.25 -11.56 -3.02
N LYS A 501 24.57 -10.29 -2.79
CA LYS A 501 23.77 -9.47 -1.88
C LYS A 501 22.41 -9.13 -2.49
N PRO A 502 21.32 -9.30 -1.71
CA PRO A 502 19.96 -9.03 -2.19
C PRO A 502 19.63 -7.54 -2.25
N VAL A 503 20.23 -6.85 -3.23
CA VAL A 503 20.07 -5.40 -3.39
C VAL A 503 18.66 -5.09 -3.86
N ARG A 504 18.03 -4.14 -3.18
CA ARG A 504 16.63 -3.77 -3.42
C ARG A 504 16.59 -2.42 -4.11
N MET A 505 16.05 -2.43 -5.33
CA MET A 505 15.96 -1.22 -6.16
C MET A 505 14.51 -0.82 -6.33
N HIS A 506 14.23 0.45 -6.02
CA HIS A 506 12.87 0.98 -6.07
C HIS A 506 12.80 2.15 -7.04
N TRP A 507 11.82 2.12 -7.94
CA TRP A 507 11.59 3.16 -8.93
C TRP A 507 10.26 3.84 -8.67
N THR A 508 10.28 5.16 -8.49
CA THR A 508 9.05 5.91 -8.25
C THR A 508 8.99 7.08 -9.22
N GLY A 509 7.79 7.43 -9.68
CA GLY A 509 7.66 8.33 -10.82
C GLY A 509 7.54 9.80 -10.50
N CYS A 510 7.34 10.12 -9.22
CA CYS A 510 7.28 11.50 -8.76
C CYS A 510 7.57 11.55 -7.26
N PRO A 511 7.71 12.75 -6.69
CA PRO A 511 8.02 12.86 -5.26
C PRO A 511 7.00 12.28 -4.26
N ASN A 512 5.81 11.85 -4.72
CA ASN A 512 4.88 11.17 -3.81
C ASN A 512 5.46 9.87 -3.25
N THR A 513 6.42 9.29 -3.97
CA THR A 513 7.21 8.15 -3.52
C THR A 513 6.37 6.95 -3.07
N CYS A 514 5.37 6.64 -3.88
CA CYS A 514 4.53 5.46 -3.68
C CYS A 514 5.35 4.17 -3.71
N ALA A 515 6.43 4.17 -4.49
CA ALA A 515 7.31 3.00 -4.51
C ALA A 515 8.47 3.16 -3.51
N GLN A 516 8.33 4.10 -2.56
CA GLN A 516 9.14 4.06 -1.33
C GLN A 516 10.65 4.09 -1.59
N VAL A 517 11.12 5.06 -2.38
CA VAL A 517 12.54 5.06 -2.75
C VAL A 517 13.45 5.22 -1.53
N GLN A 518 12.91 5.82 -0.47
CA GLN A 518 13.65 6.04 0.78
C GLN A 518 13.88 4.74 1.58
N VAL A 519 13.27 3.62 1.18
CA VAL A 519 13.60 2.34 1.83
C VAL A 519 14.62 1.52 1.04
N ALA A 520 14.94 1.98 -0.18
CA ALA A 520 15.72 1.17 -1.12
C ALA A 520 17.22 1.19 -0.85
N ASP A 521 17.90 0.11 -1.24
CA ASP A 521 19.36 0.15 -1.34
C ASP A 521 19.78 1.14 -2.43
N ILE A 522 19.08 1.10 -3.57
CA ILE A 522 19.24 2.13 -4.60
C ILE A 522 17.86 2.50 -5.04
N GLY A 523 17.52 3.78 -4.85
CA GLY A 523 16.21 4.30 -5.27
C GLY A 523 16.32 5.26 -6.44
N PHE A 524 15.26 5.34 -7.22
CA PHE A 524 15.22 6.16 -8.42
C PHE A 524 13.93 6.96 -8.40
N MET A 525 14.04 8.28 -8.27
CA MET A 525 12.87 9.15 -8.26
C MET A 525 12.81 9.93 -9.56
N GLY A 526 11.74 9.75 -10.31
CA GLY A 526 11.57 10.40 -11.59
C GLY A 526 11.76 11.91 -11.57
N CYS A 527 12.42 12.40 -12.62
CA CYS A 527 12.61 13.82 -12.82
C CYS A 527 12.78 14.08 -14.30
N LEU A 528 12.64 15.35 -14.71
CA LEU A 528 13.10 15.74 -16.03
C LEU A 528 14.44 16.42 -15.89
N THR A 529 15.33 16.12 -16.83
CA THR A 529 16.68 16.64 -16.80
C THR A 529 17.11 16.95 -18.23
N ARG A 530 18.43 17.05 -18.43
CA ARG A 530 18.96 17.51 -19.71
C ARG A 530 20.08 16.58 -20.18
N ASP A 531 20.12 16.32 -21.49
CA ASP A 531 21.26 15.59 -22.06
C ASP A 531 22.40 16.56 -22.36
N LYS A 532 23.49 16.05 -22.93
CA LYS A 532 24.67 16.88 -23.24
C LYS A 532 24.39 18.07 -24.17
N ASN A 533 23.33 17.95 -24.98
CA ASN A 533 22.93 19.02 -25.89
C ASN A 533 21.86 19.95 -25.32
N GLY A 534 21.46 19.70 -24.07
CA GLY A 534 20.47 20.55 -23.40
C GLY A 534 19.03 20.18 -23.73
N LYS A 535 18.84 19.02 -24.35
CA LYS A 535 17.50 18.55 -24.69
C LYS A 535 16.83 17.93 -23.46
N THR A 536 15.54 18.18 -23.32
CA THR A 536 14.74 17.55 -22.27
C THR A 536 14.75 16.03 -22.39
N VAL A 537 15.10 15.36 -21.29
CA VAL A 537 15.08 13.90 -21.23
C VAL A 537 14.56 13.44 -19.88
N GLU A 538 13.99 12.24 -19.84
CA GLU A 538 13.63 11.62 -18.57
C GLU A 538 14.88 11.28 -17.77
N GLY A 539 14.80 11.47 -16.46
CA GLY A 539 15.90 11.14 -15.59
C GLY A 539 15.44 10.60 -14.26
N ALA A 540 16.40 10.35 -13.38
CA ALA A 540 16.10 9.98 -12.01
C ALA A 540 17.07 10.67 -11.05
N ASP A 541 16.53 11.08 -9.91
CA ASP A 541 17.36 11.37 -8.76
C ASP A 541 17.64 10.04 -8.07
N VAL A 542 18.91 9.73 -7.88
CA VAL A 542 19.31 8.45 -7.31
C VAL A 542 19.47 8.58 -5.80
N PHE A 543 18.80 7.69 -5.05
CA PHE A 543 18.84 7.63 -3.60
C PHE A 543 19.69 6.45 -3.12
N LEU A 544 20.40 6.66 -2.01
CA LEU A 544 21.11 5.59 -1.33
C LEU A 544 20.82 5.66 0.15
N GLY A 545 21.03 4.53 0.84
CA GLY A 545 21.06 4.52 2.30
C GLY A 545 19.85 3.93 3.00
N GLY A 546 18.86 3.49 2.22
CA GLY A 546 17.66 2.89 2.81
C GLY A 546 17.93 1.50 3.36
N ARG A 547 17.46 1.26 4.57
CA ARG A 547 17.55 -0.04 5.21
C ARG A 547 16.19 -0.42 5.75
N ILE A 548 15.87 -1.71 5.69
CA ILE A 548 14.61 -2.22 6.23
C ILE A 548 14.88 -3.26 7.32
N GLY A 549 13.83 -3.89 7.84
CA GLY A 549 13.99 -4.73 9.02
C GLY A 549 14.14 -3.91 10.28
N SER A 550 14.65 -4.54 11.34
CA SER A 550 14.74 -3.87 12.63
C SER A 550 15.69 -2.66 12.61
N ASP A 551 16.80 -2.78 11.89
CA ASP A 551 17.76 -1.70 11.79
C ASP A 551 17.43 -0.80 10.60
N SER A 552 16.25 -0.20 10.65
CA SER A 552 15.75 0.57 9.52
C SER A 552 16.38 1.95 9.45
N HIS A 553 16.38 2.52 8.25
CA HIS A 553 16.95 3.83 8.00
C HIS A 553 16.37 4.35 6.72
N LEU A 554 16.11 5.66 6.68
CA LEU A 554 15.62 6.29 5.46
C LEU A 554 16.75 6.79 4.58
N GLY A 555 16.71 6.37 3.31
CA GLY A 555 17.69 6.81 2.32
C GLY A 555 17.48 8.25 1.91
N GLU A 556 18.50 8.82 1.28
CA GLU A 556 18.48 10.22 0.89
C GLU A 556 19.09 10.36 -0.50
N VAL A 557 18.82 11.49 -1.14
CA VAL A 557 19.36 11.72 -2.48
C VAL A 557 20.88 11.67 -2.47
N TYR A 558 21.42 10.91 -3.41
CA TYR A 558 22.84 10.73 -3.60
C TYR A 558 23.34 11.51 -4.81
N LYS A 559 22.61 11.42 -5.91
CA LYS A 559 22.98 12.12 -7.14
C LYS A 559 21.71 12.53 -7.87
N LYS A 560 21.57 13.83 -8.12
CA LYS A 560 20.39 14.37 -8.76
C LYS A 560 20.49 14.33 -10.27
N ALA A 561 19.34 14.21 -10.92
CA ALA A 561 19.18 14.61 -12.31
C ALA A 561 19.98 13.76 -13.29
N VAL A 562 20.06 12.47 -13.03
CA VAL A 562 20.77 11.55 -13.93
C VAL A 562 19.85 11.14 -15.08
N PRO A 563 20.22 11.44 -16.34
CA PRO A 563 19.40 10.98 -17.45
C PRO A 563 19.21 9.46 -17.41
N CYS A 564 17.99 9.00 -17.65
CA CYS A 564 17.68 7.57 -17.55
C CYS A 564 18.59 6.73 -18.46
N ASP A 565 18.95 7.29 -19.62
CA ASP A 565 19.84 6.63 -20.56
C ASP A 565 21.28 6.51 -20.08
N ASP A 566 21.60 7.16 -18.95
CA ASP A 566 22.94 7.11 -18.35
C ASP A 566 22.98 6.32 -17.03
N LEU A 567 21.85 5.74 -16.65
CA LEU A 567 21.74 5.05 -15.36
C LEU A 567 22.49 3.73 -15.30
N VAL A 568 22.52 2.98 -16.40
CA VAL A 568 23.16 1.66 -16.36
C VAL A 568 24.61 1.71 -15.85
N PRO A 569 25.50 2.54 -16.48
CA PRO A 569 26.88 2.55 -15.98
C PRO A 569 26.98 3.03 -14.52
N LEU A 570 26.16 3.99 -14.14
CA LEU A 570 26.14 4.50 -12.77
C LEU A 570 25.79 3.39 -11.77
N VAL A 571 24.74 2.63 -12.08
CA VAL A 571 24.25 1.57 -11.21
C VAL A 571 25.21 0.39 -11.16
N VAL A 572 25.74 0.00 -12.33
CA VAL A 572 26.75 -1.05 -12.39
C VAL A 572 27.91 -0.73 -11.44
N ASP A 573 28.40 0.50 -11.51
CA ASP A 573 29.53 0.90 -10.67
C ASP A 573 29.14 0.94 -9.19
N LEU A 574 27.96 1.47 -8.89
CA LEU A 574 27.47 1.46 -7.50
C LEU A 574 27.40 0.04 -6.95
N LEU A 575 26.94 -0.90 -7.75
CA LEU A 575 26.84 -2.28 -7.29
C LEU A 575 28.20 -2.92 -7.03
N VAL A 576 29.15 -2.66 -7.93
CA VAL A 576 30.52 -3.17 -7.76
C VAL A 576 31.19 -2.52 -6.56
N ASN A 577 31.03 -1.21 -6.43
CA ASN A 577 31.76 -0.47 -5.42
C ASN A 577 31.18 -0.58 -4.02
N ASN A 578 29.88 -0.83 -3.93
CA ASN A 578 29.20 -0.77 -2.64
C ASN A 578 28.46 -2.01 -2.21
N PHE A 579 28.22 -2.93 -3.15
CA PHE A 579 27.41 -4.10 -2.87
C PHE A 579 28.06 -5.41 -3.33
N GLY A 580 29.36 -5.38 -3.56
CA GLY A 580 30.12 -6.62 -3.82
C GLY A 580 29.87 -7.28 -5.16
N ALA A 581 29.27 -6.54 -6.10
CA ALA A 581 29.02 -7.10 -7.41
C ALA A 581 30.32 -7.32 -8.19
N VAL A 582 30.29 -8.28 -9.12
CA VAL A 582 31.47 -8.64 -9.89
C VAL A 582 31.14 -8.50 -11.37
N PRO A 583 31.97 -7.73 -12.12
CA PRO A 583 31.74 -7.66 -13.58
C PRO A 583 31.77 -9.04 -14.22
N ARG A 584 30.86 -9.27 -15.16
CA ARG A 584 30.82 -10.55 -15.86
C ARG A 584 31.95 -10.63 -16.89
#